data_2Y5F
#
_entry.id   2Y5F
#
_cell.length_a   48.937
_cell.length_b   74.300
_cell.length_c   77.201
_cell.angle_alpha   90.00
_cell.angle_beta   90.00
_cell.angle_gamma   90.00
#
_symmetry.space_group_name_H-M   'P 21 21 21'
#
loop_
_entity.id
_entity.type
_entity.pdbx_description
1 polymer 'ACTIVATED FACTOR XA HEAVY CHAIN'
2 polymer 'FACTOR X LIGHT CHAIN'
3 non-polymer (3AS,4R,5S,8AS,8BR)-4-[5-(5-CHLOROTHIOPHEN-2-YL)-1,2-OXAZOL-3-YL]-2-[3-[1-(2-HYDROXYETHYL)PYRROLIDIN-1-IUM-1-YL]PROPYL]-4,6,7,8,8A,8B-HEXAHYDRO-3AH-PYRROLO[3,4-A]PYRROLIZINE-1,3-DIONE
4 non-polymer 'SODIUM ION'
5 water water
#
loop_
_entity_poly.entity_id
_entity_poly.type
_entity_poly.pdbx_seq_one_letter_code
_entity_poly.pdbx_strand_id
1 'polypeptide(L)'
;IVGGQECKDGECPWQALLINEENEGFCGGTILSEFYILTAAHCLYQAKRFKVRVGDRNTEQEEGGEAVHEVEVVIKHNRF
TKETYDFDIAVLRLKTPITFRMNVAPACLPERDWAESTLMTQKTGIVSGFGRTHEKGEQSTRLKMLEVPYVDRNSCKLSS
SFIITQNMFCAGYDTKQEDACQGDSGGPHVTRFKDTYFVTGIVSWGEGCARKGKYGIYTKVTAFLKWIDRSMKT
;
A
2 'polypeptide(L)' KLCSLDNGDCDQFCHEEQNSVVCSCARGYTLADNGKACIPTGPYPCGKQTLERR L
#
loop_
_chem_comp.id
_chem_comp.type
_chem_comp.name
_chem_comp.formula
NA non-polymer 'SODIUM ION' 'Na 1'
XWG non-polymer (3AS,4R,5S,8AS,8BR)-4-[5-(5-CHLOROTHIOPHEN-2-YL)-1,2-OXAZOL-3-YL]-2-[3-[1-(2-HYDROXYETHYL)PYRROLIDIN-1-IUM-1-YL]PROPYL]-4,6,7,8,8A,8B-HEXAHYDRO-3AH-PYRROLO[3,4-A]PYRROLIZINE-1,3-DIONE 'C25 H32 Cl N4 O4 S 1'
#
# COMPACT_ATOMS: atom_id res chain seq x y z
N ILE A 1 -13.90 -0.17 -0.91
CA ILE A 1 -13.64 -1.61 -1.23
C ILE A 1 -14.97 -2.31 -1.53
N VAL A 2 -15.08 -2.88 -2.71
CA VAL A 2 -16.22 -3.67 -3.15
C VAL A 2 -15.89 -5.16 -2.85
N GLY A 3 -16.76 -5.82 -2.11
CA GLY A 3 -16.51 -7.16 -1.64
C GLY A 3 -15.47 -7.16 -0.52
N GLY A 4 -14.64 -8.19 -0.43
CA GLY A 4 -13.67 -8.26 0.65
C GLY A 4 -14.33 -8.40 2.00
N GLN A 5 -13.64 -7.93 3.03
CA GLN A 5 -14.09 -8.08 4.41
CA GLN A 5 -14.17 -8.02 4.38
C GLN A 5 -13.66 -6.88 5.25
N GLU A 6 -14.30 -6.69 6.39
CA GLU A 6 -13.81 -5.71 7.36
C GLU A 6 -12.46 -6.13 7.88
N CYS A 7 -11.51 -5.18 7.97
N CYS A 7 -11.54 -5.18 7.99
CA CYS A 7 -10.20 -5.43 8.60
CA CYS A 7 -10.23 -5.51 8.49
C CYS A 7 -10.43 -5.78 10.04
C CYS A 7 -10.29 -5.68 10.02
N LYS A 8 -9.75 -6.81 10.49
CA LYS A 8 -9.80 -7.19 11.89
C LYS A 8 -8.84 -6.31 12.69
N ASP A 9 -9.07 -6.25 14.00
CA ASP A 9 -8.28 -5.38 14.86
C ASP A 9 -6.81 -5.72 14.70
N GLY A 10 -6.00 -4.69 14.45
CA GLY A 10 -4.55 -4.86 14.29
C GLY A 10 -4.07 -5.32 12.93
N GLU A 11 -4.97 -5.61 12.00
CA GLU A 11 -4.58 -6.25 10.75
C GLU A 11 -4.26 -5.36 9.58
N CYS A 12 -4.63 -4.09 9.68
CA CYS A 12 -4.34 -3.07 8.67
C CYS A 12 -3.72 -1.83 9.28
N PRO A 13 -2.63 -1.99 10.07
CA PRO A 13 -2.19 -0.84 10.91
C PRO A 13 -1.48 0.28 10.17
N TRP A 14 -1.10 0.01 8.91
CA TRP A 14 -0.45 0.98 8.06
C TRP A 14 -1.45 1.82 7.28
N GLN A 15 -2.76 1.59 7.41
CA GLN A 15 -3.73 2.42 6.72
C GLN A 15 -3.75 3.83 7.27
N ALA A 16 -3.72 4.80 6.37
CA ALA A 16 -3.95 6.20 6.70
C ALA A 16 -5.14 6.68 5.89
N LEU A 17 -5.80 7.73 6.40
CA LEU A 17 -6.95 8.29 5.71
C LEU A 17 -6.73 9.78 5.57
N LEU A 18 -6.79 10.31 4.34
CA LEU A 18 -6.74 11.75 4.12
C LEU A 18 -8.12 12.30 4.32
N ILE A 19 -8.22 13.33 5.15
CA ILE A 19 -9.51 13.92 5.53
C ILE A 19 -9.57 15.38 5.07
N ASN A 20 -10.66 15.75 4.38
CA ASN A 20 -10.81 17.08 3.74
C ASN A 20 -11.43 18.03 4.74
N GLU A 21 -11.83 19.21 4.26
CA GLU A 21 -12.35 20.31 5.09
C GLU A 21 -13.73 19.98 5.68
N GLU A 22 -13.74 19.07 6.66
CA GLU A 22 -14.96 18.41 7.18
C GLU A 22 -14.65 17.15 8.04
N ASN A 23 -13.40 16.71 8.05
CA ASN A 23 -13.06 15.41 8.61
C ASN A 23 -13.79 14.26 7.89
N GLU A 24 -14.02 14.43 6.58
CA GLU A 24 -14.50 13.35 5.72
C GLU A 24 -13.34 12.79 4.91
N GLY A 25 -13.26 11.47 4.87
CA GLY A 25 -12.20 10.81 4.13
C GLY A 25 -12.46 10.94 2.63
N PHE A 26 -11.41 11.16 1.85
CA PHE A 26 -11.55 11.20 0.38
C PHE A 26 -10.47 10.36 -0.34
N CYS A 27 -9.45 9.92 0.40
CA CYS A 27 -8.35 9.15 -0.18
C CYS A 27 -7.66 8.43 0.97
N GLY A 28 -6.94 7.37 0.62
CA GLY A 28 -6.11 6.65 1.56
C GLY A 28 -4.65 7.08 1.46
N GLY A 29 -3.86 6.50 2.35
CA GLY A 29 -2.41 6.57 2.35
C GLY A 29 -1.86 5.37 3.09
N THR A 30 -0.54 5.23 3.07
CA THR A 30 0.18 4.15 3.74
C THR A 30 1.23 4.77 4.65
N ILE A 31 1.22 4.37 5.92
CA ILE A 31 2.24 4.82 6.87
C ILE A 31 3.59 4.16 6.48
N LEU A 32 4.62 5.00 6.26
CA LEU A 32 5.97 4.52 5.96
C LEU A 32 6.91 4.62 7.15
N SER A 33 6.70 5.62 7.99
CA SER A 33 7.56 5.90 9.13
C SER A 33 6.82 6.84 10.06
N GLU A 34 7.46 7.27 11.14
CA GLU A 34 6.78 8.19 12.05
C GLU A 34 6.40 9.54 11.41
N PHE A 35 7.16 9.96 10.40
CA PHE A 35 6.95 11.23 9.74
C PHE A 35 6.36 11.16 8.34
N TYR A 36 6.35 9.99 7.69
CA TYR A 36 6.02 9.95 6.25
C TYR A 36 4.83 9.05 5.92
N ILE A 37 3.99 9.57 5.04
CA ILE A 37 2.85 8.85 4.46
C ILE A 37 3.02 8.80 2.96
N LEU A 38 2.74 7.64 2.40
CA LEU A 38 2.72 7.43 0.97
C LEU A 38 1.29 7.55 0.47
N THR A 39 1.10 8.31 -0.59
CA THR A 39 -0.23 8.42 -1.21
C THR A 39 -0.10 8.61 -2.71
N ALA A 40 -1.25 8.83 -3.35
CA ALA A 40 -1.27 9.10 -4.80
C ALA A 40 -1.20 10.61 -5.05
N ALA A 41 -0.44 11.01 -6.05
CA ALA A 41 -0.39 12.41 -6.44
C ALA A 41 -1.76 12.95 -6.82
N HIS A 42 -2.61 12.12 -7.43
CA HIS A 42 -3.90 12.65 -7.90
C HIS A 42 -4.77 13.06 -6.72
N CYS A 43 -4.51 12.51 -5.54
CA CYS A 43 -5.27 12.86 -4.33
C CYS A 43 -5.05 14.31 -3.92
N LEU A 44 -3.92 14.89 -4.34
CA LEU A 44 -3.54 16.23 -3.92
C LEU A 44 -4.42 17.31 -4.59
N TYR A 45 -5.11 16.94 -5.67
CA TYR A 45 -5.97 17.86 -6.41
C TYR A 45 -7.43 17.74 -5.98
N GLN A 46 -7.73 16.81 -5.08
CA GLN A 46 -9.12 16.41 -4.81
C GLN A 46 -9.67 17.01 -3.51
N ALA A 47 -8.84 17.82 -2.84
CA ALA A 47 -9.26 18.63 -1.69
C ALA A 47 -8.30 19.82 -1.61
N LYS A 48 -8.84 21.01 -1.33
CA LYS A 48 -8.03 22.23 -1.20
C LYS A 48 -7.00 22.09 -0.09
N ARG A 49 -7.45 21.65 1.07
CA ARG A 49 -6.59 21.38 2.22
C ARG A 49 -7.04 20.06 2.81
N PHE A 50 -6.11 19.36 3.48
CA PHE A 50 -6.45 18.11 4.17
C PHE A 50 -5.46 17.75 5.31
N LYS A 51 -5.86 16.80 6.15
CA LYS A 51 -5.04 16.30 7.25
C LYS A 51 -4.99 14.75 7.08
N VAL A 52 -4.25 14.07 7.95
CA VAL A 52 -4.08 12.61 7.88
C VAL A 52 -4.52 12.01 9.20
N ARG A 53 -5.43 11.04 9.12
CA ARG A 53 -5.83 10.30 10.32
C ARG A 53 -5.24 8.89 10.27
N VAL A 54 -4.72 8.46 11.42
CA VAL A 54 -4.20 7.10 11.61
C VAL A 54 -4.92 6.43 12.79
N GLY A 55 -4.91 5.10 12.81
CA GLY A 55 -5.46 4.33 13.92
C GLY A 55 -6.96 4.15 13.91
N ASP A 56 -7.61 4.53 12.85
CA ASP A 56 -9.04 4.47 12.77
C ASP A 56 -9.47 3.16 12.08
N ARG A 57 -10.48 2.51 12.63
CA ARG A 57 -11.16 1.41 11.95
C ARG A 57 -12.63 1.68 11.68
N ASN A 58 -13.21 2.62 12.42
CA ASN A 58 -14.64 2.90 12.35
C ASN A 58 -14.80 4.39 12.45
N THR A 59 -15.20 5.03 11.36
CA THR A 59 -15.23 6.46 11.34
C THR A 59 -16.40 7.08 12.13
N GLU A 60 -17.32 6.25 12.62
CA GLU A 60 -18.44 6.68 13.43
C GLU A 60 -18.28 6.33 14.89
N GLN A 61 -17.13 5.85 15.32
CA GLN A 61 -16.90 5.49 16.72
C GLN A 61 -15.57 6.05 17.14
N GLU A 62 -15.55 6.71 18.31
CA GLU A 62 -14.31 7.20 18.91
C GLU A 62 -13.77 6.07 19.78
N GLU A 63 -12.86 5.30 19.23
CA GLU A 63 -12.31 4.14 19.91
C GLU A 63 -11.40 4.59 21.05
N GLY A 64 -10.56 5.59 20.76
CA GLY A 64 -9.59 6.07 21.74
C GLY A 64 -8.18 6.12 21.16
N GLY A 65 -7.89 5.27 20.18
CA GLY A 65 -6.54 5.16 19.61
C GLY A 65 -6.24 5.98 18.36
N GLU A 66 -7.25 6.68 17.85
CA GLU A 66 -7.13 7.50 16.65
C GLU A 66 -6.28 8.75 16.88
N ALA A 67 -5.57 9.20 15.85
CA ALA A 67 -4.87 10.48 15.88
C ALA A 67 -4.89 11.14 14.52
N VAL A 68 -4.94 12.47 14.57
CA VAL A 68 -4.94 13.30 13.38
C VAL A 68 -3.64 14.08 13.33
N HIS A 69 -3.01 14.09 12.15
CA HIS A 69 -1.74 14.80 11.94
C HIS A 69 -1.83 15.78 10.77
N GLU A 70 -1.27 16.97 10.97
CA GLU A 70 -1.16 17.95 9.89
C GLU A 70 0.03 17.63 9.01
N VAL A 71 -0.07 18.09 7.75
CA VAL A 71 0.96 17.91 6.75
C VAL A 71 1.90 19.11 6.73
N GLU A 72 3.19 18.83 6.90
CA GLU A 72 4.22 19.85 6.81
C GLU A 72 4.69 20.12 5.39
N VAL A 73 4.91 19.04 4.64
CA VAL A 73 5.45 19.14 3.26
C VAL A 73 4.76 18.11 2.41
N VAL A 74 4.38 18.50 1.20
CA VAL A 74 3.88 17.58 0.21
C VAL A 74 5.00 17.42 -0.81
N ILE A 75 5.41 16.18 -1.08
CA ILE A 75 6.41 15.86 -2.09
C ILE A 75 5.72 15.05 -3.21
N LYS A 76 5.29 15.73 -4.25
N LYS A 76 5.30 15.73 -4.26
CA LYS A 76 4.62 15.13 -5.39
CA LYS A 76 4.62 15.13 -5.40
C LYS A 76 5.69 14.71 -6.39
C LYS A 76 5.64 14.77 -6.45
N HIS A 77 5.46 13.63 -7.13
CA HIS A 77 6.38 13.29 -8.22
C HIS A 77 6.30 14.36 -9.27
N ASN A 78 7.46 14.84 -9.73
N ASN A 78 7.47 14.86 -9.70
CA ASN A 78 7.48 15.95 -10.68
CA ASN A 78 7.50 15.96 -10.67
C ASN A 78 7.06 15.57 -12.10
C ASN A 78 6.93 15.58 -12.05
N ARG A 79 6.85 14.27 -12.35
CA ARG A 79 6.34 13.79 -13.64
CA ARG A 79 6.35 13.82 -13.64
C ARG A 79 4.89 13.34 -13.57
N PHE A 80 4.24 13.55 -12.44
CA PHE A 80 2.82 13.21 -12.36
C PHE A 80 2.07 13.93 -13.46
N THR A 81 1.18 13.20 -14.12
CA THR A 81 0.42 13.72 -15.26
C THR A 81 -1.06 13.47 -14.98
N LYS A 82 -1.86 14.52 -14.88
CA LYS A 82 -3.29 14.39 -14.53
C LYS A 82 -4.09 13.60 -15.57
N GLU A 83 -3.70 13.72 -16.83
CA GLU A 83 -4.46 13.12 -17.92
C GLU A 83 -4.42 11.60 -17.83
N THR A 84 -3.25 11.07 -17.57
CA THR A 84 -3.03 9.63 -17.66
C THR A 84 -2.84 8.97 -16.29
N TYR A 85 -2.72 9.79 -15.24
CA TYR A 85 -2.24 9.39 -13.91
C TYR A 85 -0.89 8.64 -13.95
N ASP A 86 -0.06 8.89 -14.95
CA ASP A 86 1.31 8.36 -14.90
C ASP A 86 2.06 9.05 -13.75
N PHE A 87 2.98 8.32 -13.14
CA PHE A 87 3.76 8.78 -11.99
C PHE A 87 2.85 9.21 -10.81
N ASP A 88 1.86 8.38 -10.50
CA ASP A 88 0.84 8.74 -9.52
C ASP A 88 1.34 8.39 -8.11
N ILE A 89 2.22 9.23 -7.59
CA ILE A 89 2.86 8.98 -6.32
C ILE A 89 3.24 10.31 -5.66
N ALA A 90 3.05 10.35 -4.35
CA ALA A 90 3.44 11.47 -3.50
C ALA A 90 3.77 10.94 -2.11
N VAL A 91 4.65 11.64 -1.43
CA VAL A 91 4.95 11.45 -0.02
C VAL A 91 4.57 12.71 0.74
N LEU A 92 4.02 12.53 1.93
CA LEU A 92 3.66 13.60 2.84
C LEU A 92 4.56 13.49 4.05
N ARG A 93 5.22 14.60 4.41
CA ARG A 93 5.90 14.69 5.68
C ARG A 93 4.93 15.35 6.65
N LEU A 94 4.75 14.72 7.82
CA LEU A 94 3.84 15.25 8.82
C LEU A 94 4.52 16.26 9.73
N LYS A 95 3.73 17.17 10.28
CA LYS A 95 4.25 18.20 11.18
C LYS A 95 4.69 17.62 12.52
N THR A 96 3.99 16.58 12.96
CA THR A 96 4.28 15.90 14.20
C THR A 96 4.36 14.39 13.95
N PRO A 97 5.23 13.69 14.68
CA PRO A 97 5.43 12.27 14.43
C PRO A 97 4.32 11.38 14.95
N ILE A 98 4.05 10.33 14.18
CA ILE A 98 3.14 9.28 14.63
C ILE A 98 3.73 8.47 15.76
N THR A 99 2.92 8.17 16.78
CA THR A 99 3.28 7.23 17.86
C THR A 99 2.73 5.85 17.48
N PHE A 100 3.61 4.88 17.20
CA PHE A 100 3.11 3.57 16.81
C PHE A 100 2.49 2.90 18.05
N ARG A 101 1.45 2.11 17.80
CA ARG A 101 0.61 1.56 18.85
C ARG A 101 -0.36 0.58 18.19
N MET A 102 -1.29 0.01 18.95
CA MET A 102 -2.30 -0.83 18.33
C MET A 102 -2.96 -0.13 17.14
N ASN A 103 -3.03 -0.81 16.00
CA ASN A 103 -3.63 -0.25 14.77
C ASN A 103 -2.87 0.89 14.09
N VAL A 104 -1.61 1.10 14.50
CA VAL A 104 -0.78 2.19 13.94
C VAL A 104 0.68 1.72 13.84
N ALA A 105 1.08 1.29 12.65
CA ALA A 105 2.43 0.78 12.41
C ALA A 105 2.71 0.95 10.91
N PRO A 106 3.99 1.09 10.54
CA PRO A 106 4.32 1.24 9.15
C PRO A 106 4.33 -0.08 8.38
N ALA A 107 4.13 0.01 7.07
CA ALA A 107 4.38 -1.07 6.14
C ALA A 107 5.85 -1.03 5.75
N CYS A 108 6.44 -2.16 5.38
CA CYS A 108 7.84 -2.18 4.99
C CYS A 108 8.04 -1.83 3.53
N LEU A 109 9.10 -1.08 3.27
CA LEU A 109 9.58 -0.86 1.91
C LEU A 109 10.54 -1.97 1.55
N PRO A 110 10.28 -2.69 0.46
CA PRO A 110 11.16 -3.79 0.10
C PRO A 110 12.34 -3.29 -0.73
N GLU A 111 13.39 -4.10 -0.80
CA GLU A 111 14.46 -3.89 -1.79
C GLU A 111 13.88 -4.20 -3.19
N ARG A 112 14.26 -3.39 -4.18
CA ARG A 112 13.64 -3.45 -5.51
C ARG A 112 13.76 -4.79 -6.23
N ASP A 113 14.98 -5.29 -6.39
CA ASP A 113 15.13 -6.51 -7.18
C ASP A 113 14.40 -7.67 -6.53
N TRP A 114 14.48 -7.76 -5.22
CA TRP A 114 13.79 -8.84 -4.50
C TRP A 114 12.25 -8.64 -4.59
N ALA A 115 11.79 -7.40 -4.53
CA ALA A 115 10.36 -7.16 -4.71
C ALA A 115 9.91 -7.67 -6.07
N GLU A 116 10.69 -7.39 -7.11
CA GLU A 116 10.32 -7.83 -8.45
C GLU A 116 10.29 -9.35 -8.59
N SER A 117 11.28 -10.04 -8.00
CA SER A 117 11.39 -11.50 -8.17
C SER A 117 10.51 -12.30 -7.23
N THR A 118 10.11 -11.68 -6.12
CA THR A 118 9.53 -12.40 -4.99
C THR A 118 8.17 -11.89 -4.56
N LEU A 119 7.95 -10.59 -4.62
CA LEU A 119 6.65 -10.04 -4.21
C LEU A 119 5.68 -9.94 -5.39
N MET A 120 6.16 -9.36 -6.49
CA MET A 120 5.29 -9.12 -7.65
C MET A 120 4.92 -10.43 -8.36
N THR A 121 5.62 -11.53 -8.00
CA THR A 121 5.41 -12.85 -8.56
C THR A 121 4.52 -13.70 -7.66
N GLN A 122 4.06 -13.16 -6.52
CA GLN A 122 3.07 -13.82 -5.68
CA GLN A 122 3.08 -13.93 -5.79
C GLN A 122 1.73 -13.88 -6.45
N LYS A 123 0.84 -14.74 -6.01
CA LYS A 123 -0.47 -14.79 -6.62
C LYS A 123 -1.30 -13.52 -6.36
N THR A 124 -1.21 -12.99 -5.14
CA THR A 124 -2.07 -11.90 -4.68
C THR A 124 -1.34 -10.88 -3.84
N GLY A 125 -1.95 -9.71 -3.76
CA GLY A 125 -1.67 -8.71 -2.76
C GLY A 125 -2.96 -8.32 -2.05
N ILE A 126 -2.86 -7.38 -1.12
N ILE A 126 -2.86 -7.34 -1.16
CA ILE A 126 -4.00 -6.94 -0.34
CA ILE A 126 -3.95 -6.93 -0.27
C ILE A 126 -4.14 -5.43 -0.51
C ILE A 126 -4.16 -5.42 -0.40
N VAL A 127 -5.37 -5.00 -0.75
CA VAL A 127 -5.71 -3.58 -0.85
C VAL A 127 -6.69 -3.29 0.30
N SER A 128 -6.68 -2.09 0.82
CA SER A 128 -7.56 -1.72 1.92
C SER A 128 -7.99 -0.27 1.79
N GLY A 129 -9.08 0.03 2.49
CA GLY A 129 -9.56 1.38 2.56
C GLY A 129 -10.98 1.53 3.05
N PHE A 130 -11.37 2.79 3.09
CA PHE A 130 -12.70 3.25 3.53
C PHE A 130 -13.58 3.69 2.36
N GLY A 131 -13.20 3.31 1.15
CA GLY A 131 -13.91 3.75 -0.03
C GLY A 131 -15.24 3.06 -0.27
N ARG A 132 -15.86 3.42 -1.38
CA ARG A 132 -17.21 2.93 -1.70
C ARG A 132 -17.31 1.41 -1.74
N THR A 133 -18.46 0.89 -1.32
CA THR A 133 -18.69 -0.56 -1.25
C THR A 133 -19.33 -1.13 -2.51
N HIS A 134 -19.74 -0.25 -3.42
CA HIS A 134 -20.06 -0.57 -4.82
C HIS A 134 -19.89 0.73 -5.60
N GLU A 135 -19.76 0.63 -6.94
CA GLU A 135 -19.39 1.77 -7.77
C GLU A 135 -20.19 3.05 -7.47
N LYS A 136 -21.51 2.90 -7.35
CA LYS A 136 -22.41 4.04 -7.19
C LYS A 136 -22.85 4.21 -5.75
N GLY A 137 -22.20 3.54 -4.83
CA GLY A 137 -22.57 3.52 -3.43
C GLY A 137 -21.84 4.56 -2.61
N GLU A 138 -21.97 4.38 -1.31
CA GLU A 138 -21.40 5.26 -0.33
C GLU A 138 -20.12 4.65 0.20
N GLN A 139 -19.29 5.50 0.77
CA GLN A 139 -18.08 5.08 1.44
C GLN A 139 -18.39 4.23 2.66
N SER A 140 -17.51 3.28 2.94
CA SER A 140 -17.66 2.44 4.10
C SER A 140 -17.26 3.21 5.35
N THR A 141 -18.03 3.08 6.41
CA THR A 141 -17.61 3.64 7.69
C THR A 141 -16.59 2.75 8.41
N ARG A 142 -16.45 1.51 7.95
CA ARG A 142 -15.49 0.57 8.51
C ARG A 142 -14.39 0.26 7.53
N LEU A 143 -13.17 0.16 8.05
CA LEU A 143 -12.05 -0.16 7.20
C LEU A 143 -12.18 -1.57 6.66
N LYS A 144 -12.01 -1.72 5.35
CA LYS A 144 -12.13 -3.00 4.66
C LYS A 144 -10.80 -3.36 4.00
N MET A 145 -10.61 -4.64 3.77
N MET A 145 -10.61 -4.66 3.80
CA MET A 145 -9.51 -5.14 2.98
CA MET A 145 -9.47 -5.21 3.09
C MET A 145 -10.00 -6.15 1.99
C MET A 145 -9.92 -6.29 2.10
N LEU A 146 -9.13 -6.45 1.04
CA LEU A 146 -9.47 -7.33 -0.06
C LEU A 146 -8.19 -7.92 -0.65
N GLU A 147 -8.20 -9.23 -0.82
CA GLU A 147 -7.15 -9.91 -1.55
C GLU A 147 -7.39 -9.76 -3.06
N VAL A 148 -6.40 -9.25 -3.78
CA VAL A 148 -6.53 -9.01 -5.20
C VAL A 148 -5.42 -9.75 -5.94
N PRO A 149 -5.78 -10.59 -6.91
CA PRO A 149 -4.74 -11.24 -7.72
C PRO A 149 -3.96 -10.23 -8.53
N TYR A 150 -2.67 -10.48 -8.70
CA TYR A 150 -1.91 -9.80 -9.72
C TYR A 150 -2.45 -10.24 -11.09
N VAL A 151 -2.52 -9.28 -12.00
CA VAL A 151 -3.03 -9.48 -13.37
C VAL A 151 -1.91 -9.18 -14.36
N ASP A 152 -1.70 -10.05 -15.33
CA ASP A 152 -0.53 -9.85 -16.19
C ASP A 152 -0.71 -8.61 -17.06
N ARG A 153 0.42 -7.99 -17.38
CA ARG A 153 0.44 -6.73 -18.07
C ARG A 153 -0.28 -6.77 -19.43
N ASN A 154 -0.05 -7.81 -20.22
CA ASN A 154 -0.68 -7.88 -21.55
C ASN A 154 -2.20 -7.85 -21.44
N SER A 155 -2.73 -8.65 -20.51
CA SER A 155 -4.18 -8.68 -20.25
C SER A 155 -4.68 -7.31 -19.79
N CYS A 156 -3.87 -6.71 -18.91
N CYS A 156 -3.92 -6.65 -18.94
CA CYS A 156 -4.11 -5.36 -18.32
CA CYS A 156 -4.43 -5.40 -18.47
C CYS A 156 -4.32 -4.32 -19.42
C CYS A 156 -4.44 -4.33 -19.56
N LYS A 157 -3.38 -4.26 -20.36
CA LYS A 157 -3.38 -3.32 -21.47
C LYS A 157 -4.62 -3.52 -22.39
N LEU A 158 -4.90 -4.78 -22.70
CA LEU A 158 -6.01 -5.11 -23.61
C LEU A 158 -7.35 -4.68 -23.01
N SER A 159 -7.47 -4.83 -21.70
CA SER A 159 -8.69 -4.49 -20.99
C SER A 159 -8.97 -3.00 -20.83
N SER A 160 -7.95 -2.17 -20.98
CA SER A 160 -8.05 -0.78 -20.57
C SER A 160 -8.34 0.17 -21.74
N SER A 161 -9.20 1.16 -21.50
CA SER A 161 -9.49 2.22 -22.48
C SER A 161 -8.41 3.30 -22.47
N PHE A 162 -7.53 3.23 -21.46
CA PHE A 162 -6.50 4.23 -21.23
C PHE A 162 -5.14 3.56 -21.13
N ILE A 163 -4.09 4.30 -21.45
CA ILE A 163 -2.75 3.74 -21.47
C ILE A 163 -2.34 3.20 -20.07
N ILE A 164 -1.79 1.98 -20.05
CA ILE A 164 -1.16 1.40 -18.86
C ILE A 164 0.34 1.52 -19.04
N THR A 165 0.94 2.45 -18.31
CA THR A 165 2.38 2.70 -18.41
C THR A 165 3.17 1.67 -17.58
N GLN A 166 4.49 1.67 -17.69
N GLN A 166 4.49 1.73 -17.71
CA GLN A 166 5.29 0.78 -16.86
CA GLN A 166 5.38 0.89 -16.92
C GLN A 166 5.42 1.28 -15.41
C GLN A 166 5.35 1.25 -15.43
N ASN A 167 4.79 2.40 -15.11
CA ASN A 167 4.64 2.83 -13.71
C ASN A 167 3.33 2.39 -13.06
N MET A 168 2.62 1.49 -13.72
CA MET A 168 1.31 1.01 -13.29
C MET A 168 1.31 -0.50 -13.36
N PHE A 169 0.45 -1.11 -12.54
CA PHE A 169 0.10 -2.52 -12.72
C PHE A 169 -1.35 -2.73 -12.42
N CYS A 170 -1.93 -3.79 -13.02
N CYS A 170 -1.84 -3.90 -12.78
CA CYS A 170 -3.32 -4.23 -12.75
CA CYS A 170 -3.22 -4.17 -12.60
C CYS A 170 -3.37 -5.28 -11.63
C CYS A 170 -3.42 -5.34 -11.68
N ALA A 171 -4.47 -5.24 -10.88
CA ALA A 171 -4.79 -6.28 -9.90
C ALA A 171 -6.29 -6.34 -9.76
N GLY A 172 -6.78 -7.51 -9.39
CA GLY A 172 -8.18 -7.74 -9.18
C GLY A 172 -8.70 -8.87 -10.03
N TYR A 173 -9.95 -8.72 -10.45
CA TYR A 173 -10.69 -9.77 -11.12
C TYR A 173 -11.35 -9.30 -12.39
N ASP A 174 -11.41 -10.17 -13.38
CA ASP A 174 -12.09 -9.89 -14.63
C ASP A 174 -13.58 -9.68 -14.40
N THR A 175 -14.28 -10.69 -13.89
CA THR A 175 -15.72 -10.62 -13.69
C THR A 175 -16.16 -10.69 -12.24
N LYS A 176 -15.39 -11.31 -11.34
CA LYS A 176 -15.78 -11.37 -9.94
C LYS A 176 -15.92 -9.96 -9.42
N GLN A 177 -17.01 -9.70 -8.70
N GLN A 177 -17.00 -9.65 -8.74
CA GLN A 177 -17.36 -8.38 -8.21
CA GLN A 177 -17.26 -8.26 -8.38
C GLN A 177 -16.63 -8.01 -6.93
C GLN A 177 -16.65 -7.89 -7.03
N GLU A 178 -15.32 -7.83 -7.05
CA GLU A 178 -14.50 -7.35 -5.92
C GLU A 178 -13.44 -6.43 -6.51
N ASP A 179 -13.20 -5.29 -5.87
CA ASP A 179 -12.25 -4.28 -6.38
C ASP A 179 -12.10 -3.21 -5.32
N ALA A 180 -11.09 -2.38 -5.49
CA ALA A 180 -11.08 -1.08 -4.82
C ALA A 180 -12.04 -0.13 -5.52
N CYS A 181 -12.23 1.04 -4.94
CA CYS A 181 -13.16 2.00 -5.51
C CYS A 181 -12.84 3.42 -5.03
N GLN A 182 -13.64 4.37 -5.48
CA GLN A 182 -13.50 5.78 -5.07
C GLN A 182 -13.47 5.89 -3.55
N GLY A 183 -12.48 6.63 -3.06
CA GLY A 183 -12.24 6.82 -1.64
C GLY A 183 -11.13 5.91 -1.12
N ASP A 184 -10.84 4.82 -1.85
CA ASP A 184 -9.67 3.96 -1.54
C ASP A 184 -8.39 4.47 -2.18
N SER A 185 -8.52 5.29 -3.21
N SER A 185 -8.54 5.32 -3.18
CA SER A 185 -7.35 5.67 -3.99
CA SER A 185 -7.41 5.83 -3.96
C SER A 185 -6.36 6.43 -3.10
C SER A 185 -6.36 6.43 -3.04
N GLY A 186 -5.09 6.22 -3.36
CA GLY A 186 -4.00 6.68 -2.52
C GLY A 186 -3.60 5.70 -1.46
N GLY A 187 -4.45 4.70 -1.19
CA GLY A 187 -4.22 3.74 -0.12
C GLY A 187 -3.30 2.60 -0.47
N PRO A 188 -3.09 1.71 0.50
CA PRO A 188 -2.09 0.68 0.37
C PRO A 188 -2.50 -0.50 -0.48
N HIS A 189 -1.54 -0.96 -1.26
CA HIS A 189 -1.49 -2.30 -1.80
C HIS A 189 -0.20 -2.92 -1.25
N VAL A 190 -0.37 -3.96 -0.44
CA VAL A 190 0.74 -4.61 0.22
C VAL A 190 0.76 -6.07 -0.19
N THR A 191 1.94 -6.69 -0.13
CA THR A 191 2.10 -8.10 -0.43
C THR A 191 2.75 -8.75 0.77
N ARG A 192 2.16 -9.85 1.21
CA ARG A 192 2.63 -10.63 2.32
C ARG A 192 3.75 -11.59 1.90
N PHE A 193 4.78 -11.66 2.74
CA PHE A 193 5.84 -12.67 2.58
C PHE A 193 6.24 -13.13 3.97
N LYS A 194 6.01 -14.41 4.26
CA LYS A 194 6.25 -14.93 5.62
C LYS A 194 5.82 -13.98 6.75
N ASP A 195 4.56 -13.70 6.76
CA ASP A 195 3.93 -12.81 7.79
C ASP A 195 4.44 -11.37 7.95
N THR A 196 5.15 -10.88 6.96
CA THR A 196 5.55 -9.48 6.89
C THR A 196 4.95 -8.86 5.64
N TYR A 197 4.40 -7.66 5.78
CA TYR A 197 3.70 -6.98 4.71
C TYR A 197 4.55 -5.83 4.14
N PHE A 198 4.76 -5.91 2.84
CA PHE A 198 5.61 -4.99 2.11
C PHE A 198 4.77 -4.16 1.15
N VAL A 199 5.08 -2.88 1.04
CA VAL A 199 4.39 -1.99 0.10
C VAL A 199 4.76 -2.36 -1.31
N THR A 200 3.73 -2.65 -2.11
CA THR A 200 3.89 -2.98 -3.50
C THR A 200 3.13 -2.06 -4.45
N GLY A 201 2.10 -1.36 -3.97
CA GLY A 201 1.32 -0.51 -4.86
C GLY A 201 0.64 0.60 -4.13
N ILE A 202 0.15 1.55 -4.91
CA ILE A 202 -0.71 2.61 -4.42
C ILE A 202 -2.00 2.52 -5.23
N VAL A 203 -3.16 2.49 -4.57
CA VAL A 203 -4.41 2.47 -5.31
C VAL A 203 -4.48 3.72 -6.18
N SER A 204 -4.66 3.58 -7.50
CA SER A 204 -4.57 4.71 -8.39
C SER A 204 -5.86 5.02 -9.11
N TRP A 205 -6.38 4.12 -9.95
CA TRP A 205 -7.59 4.42 -10.69
C TRP A 205 -8.25 3.16 -11.23
N GLY A 206 -9.47 3.30 -11.70
CA GLY A 206 -10.15 2.23 -12.43
C GLY A 206 -11.25 2.84 -13.27
N GLU A 207 -11.75 2.06 -14.22
CA GLU A 207 -12.89 2.45 -15.02
C GLU A 207 -14.11 1.88 -14.32
N GLY A 208 -14.77 2.71 -13.52
CA GLY A 208 -15.78 2.24 -12.60
C GLY A 208 -15.12 1.47 -11.47
N CYS A 209 -15.89 0.58 -10.83
CA CYS A 209 -15.38 -0.29 -9.79
C CYS A 209 -15.98 -1.66 -9.96
N ALA A 210 -15.13 -2.67 -9.98
CA ALA A 210 -15.55 -4.07 -10.10
C ALA A 210 -16.33 -4.35 -11.39
N ARG A 211 -16.09 -3.56 -12.44
CA ARG A 211 -16.74 -3.80 -13.72
C ARG A 211 -16.18 -5.05 -14.37
N LYS A 212 -17.05 -5.76 -15.07
CA LYS A 212 -16.64 -6.88 -15.87
C LYS A 212 -15.70 -6.43 -16.99
N GLY A 213 -14.59 -7.14 -17.11
CA GLY A 213 -13.59 -6.87 -18.11
C GLY A 213 -12.63 -5.72 -17.78
N LYS A 214 -12.75 -5.17 -16.57
CA LYS A 214 -11.87 -4.12 -16.09
C LYS A 214 -11.20 -4.56 -14.79
N TYR A 215 -9.98 -4.06 -14.58
CA TYR A 215 -9.19 -4.33 -13.39
C TYR A 215 -8.94 -3.05 -12.60
N GLY A 216 -8.41 -3.20 -11.39
CA GLY A 216 -7.92 -2.06 -10.64
C GLY A 216 -6.52 -1.71 -11.09
N ILE A 217 -6.22 -0.42 -11.16
CA ILE A 217 -4.92 0.07 -11.61
C ILE A 217 -4.18 0.72 -10.43
N TYR A 218 -2.93 0.29 -10.24
CA TYR A 218 -2.12 0.64 -9.09
C TYR A 218 -0.80 1.23 -9.55
N THR A 219 -0.30 2.19 -8.81
CA THR A 219 1.05 2.69 -9.02
C THR A 219 2.04 1.59 -8.63
N LYS A 220 2.98 1.30 -9.53
CA LYS A 220 3.97 0.24 -9.32
C LYS A 220 5.10 0.76 -8.42
N VAL A 221 5.03 0.46 -7.13
CA VAL A 221 5.98 1.04 -6.18
C VAL A 221 7.43 0.63 -6.46
N THR A 222 7.68 -0.54 -7.02
CA THR A 222 9.04 -0.90 -7.36
C THR A 222 9.74 0.11 -8.23
N ALA A 223 8.99 0.78 -9.11
CA ALA A 223 9.60 1.78 -9.99
C ALA A 223 10.05 3.04 -9.24
N PHE A 224 9.59 3.19 -7.99
CA PHE A 224 9.74 4.42 -7.19
C PHE A 224 10.44 4.20 -5.86
N LEU A 225 11.03 3.03 -5.63
CA LEU A 225 11.66 2.80 -4.33
C LEU A 225 12.81 3.76 -4.06
N LYS A 226 13.63 4.04 -5.07
CA LYS A 226 14.70 5.03 -4.92
C LYS A 226 14.12 6.44 -4.69
N TRP A 227 13.08 6.79 -5.45
CA TRP A 227 12.39 8.08 -5.34
C TRP A 227 11.82 8.26 -3.93
N ILE A 228 11.20 7.20 -3.39
CA ILE A 228 10.67 7.26 -2.04
C ILE A 228 11.79 7.49 -1.04
N ASP A 229 12.88 6.74 -1.17
CA ASP A 229 14.01 6.92 -0.26
C ASP A 229 14.53 8.36 -0.27
N ARG A 230 14.69 8.92 -1.46
CA ARG A 230 15.19 10.30 -1.58
C ARG A 230 14.18 11.30 -0.96
N SER A 231 12.89 11.05 -1.19
CA SER A 231 11.85 11.95 -0.71
C SER A 231 11.78 11.97 0.81
N MET A 232 12.11 10.84 1.43
CA MET A 232 12.12 10.71 2.88
C MET A 232 13.44 11.17 3.51
N LYS A 233 14.39 11.60 2.68
CA LYS A 233 15.74 12.01 3.07
C LYS A 233 16.48 10.87 3.76
N THR A 234 17.21 11.04 4.75
N LYS B 1 23.54 -22.55 -3.97
CA LYS B 1 22.21 -22.36 -3.33
C LYS B 1 21.54 -21.09 -3.86
N LEU B 2 20.20 -21.07 -3.88
CA LEU B 2 19.47 -20.13 -4.69
C LEU B 2 18.32 -19.47 -3.95
N CYS B 3 18.09 -18.21 -4.29
CA CYS B 3 16.93 -17.51 -3.76
C CYS B 3 15.60 -18.03 -4.31
N SER B 4 15.61 -18.78 -5.42
CA SER B 4 14.39 -19.32 -6.02
C SER B 4 13.84 -20.57 -5.34
N LEU B 5 14.57 -21.11 -4.37
CA LEU B 5 14.10 -22.25 -3.57
C LEU B 5 13.98 -21.80 -2.15
N ASP B 6 12.74 -21.70 -1.69
CA ASP B 6 12.44 -21.26 -0.31
C ASP B 6 13.09 -19.94 0.06
N ASN B 7 13.22 -19.08 -0.91
CA ASN B 7 13.81 -17.71 -0.69
C ASN B 7 15.19 -17.81 -0.02
N GLY B 8 15.97 -18.84 -0.35
CA GLY B 8 17.27 -19.03 0.25
C GLY B 8 17.25 -19.29 1.74
N ASP B 9 16.09 -19.67 2.26
CA ASP B 9 15.83 -19.78 3.70
C ASP B 9 15.82 -18.42 4.42
N CYS B 10 15.81 -17.28 3.69
CA CYS B 10 15.87 -16.01 4.31
C CYS B 10 14.45 -15.65 4.76
N ASP B 11 14.33 -14.97 5.90
CA ASP B 11 13.01 -14.46 6.32
C ASP B 11 12.50 -13.33 5.44
N GLN B 12 13.40 -12.47 4.98
CA GLN B 12 13.04 -11.29 4.20
C GLN B 12 13.84 -11.30 2.89
N PHE B 13 14.77 -10.37 2.72
CA PHE B 13 15.43 -10.22 1.41
C PHE B 13 16.49 -11.30 1.23
N CYS B 14 16.59 -11.79 -0.01
CA CYS B 14 17.57 -12.77 -0.43
C CYS B 14 18.25 -12.25 -1.69
N HIS B 15 19.58 -12.38 -1.75
CA HIS B 15 20.33 -12.10 -2.97
C HIS B 15 21.38 -13.21 -3.17
N GLU B 16 21.59 -13.60 -4.41
CA GLU B 16 22.55 -14.65 -4.78
C GLU B 16 23.91 -14.05 -5.02
N GLU B 17 24.93 -14.73 -4.48
CA GLU B 17 26.32 -14.52 -4.81
C GLU B 17 26.82 -15.71 -5.65
N GLN B 18 28.09 -15.64 -6.03
CA GLN B 18 28.77 -16.69 -6.80
C GLN B 18 28.35 -18.13 -6.48
N ASN B 19 28.24 -18.45 -5.20
CA ASN B 19 28.00 -19.82 -4.74
C ASN B 19 26.91 -19.93 -3.67
N SER B 20 26.61 -18.79 -3.06
CA SER B 20 25.87 -18.72 -1.83
C SER B 20 24.72 -17.73 -1.97
N VAL B 21 23.90 -17.68 -0.96
CA VAL B 21 22.91 -16.62 -0.80
C VAL B 21 23.30 -15.75 0.38
N VAL B 22 22.89 -14.49 0.34
CA VAL B 22 23.03 -13.55 1.44
C VAL B 22 21.63 -13.02 1.76
N CYS B 23 21.20 -13.17 3.01
CA CYS B 23 19.95 -12.63 3.48
C CYS B 23 20.13 -11.26 4.09
N SER B 24 19.06 -10.47 4.09
CA SER B 24 19.06 -9.17 4.75
C SER B 24 17.63 -8.83 5.13
N CYS B 25 17.48 -7.69 5.81
CA CYS B 25 16.22 -7.32 6.40
C CYS B 25 15.92 -5.83 6.20
N ALA B 26 14.65 -5.51 6.33
CA ALA B 26 14.19 -4.13 6.28
C ALA B 26 14.70 -3.35 7.50
N ARG B 27 14.66 -2.01 7.40
CA ARG B 27 14.97 -1.15 8.55
C ARG B 27 14.04 -1.54 9.69
N GLY B 28 14.57 -1.53 10.92
CA GLY B 28 13.81 -1.92 12.11
C GLY B 28 13.93 -3.40 12.47
N TYR B 29 14.75 -4.12 11.70
CA TYR B 29 15.09 -5.51 11.96
C TYR B 29 16.61 -5.64 11.89
N THR B 30 17.12 -6.60 12.66
CA THR B 30 18.51 -7.02 12.58
C THR B 30 18.58 -8.47 12.11
N LEU B 31 19.46 -8.76 11.16
CA LEU B 31 19.67 -10.12 10.75
C LEU B 31 20.21 -10.96 11.92
N ALA B 32 19.59 -12.09 12.16
CA ALA B 32 19.94 -12.98 13.24
C ALA B 32 21.34 -13.59 13.01
N ASP B 33 21.90 -14.13 14.07
CA ASP B 33 23.20 -14.81 14.01
C ASP B 33 23.23 -15.94 12.98
N ASN B 34 22.09 -16.60 12.78
CA ASN B 34 22.04 -17.72 11.83
C ASN B 34 22.10 -17.25 10.38
N GLY B 35 22.07 -15.94 10.14
CA GLY B 35 22.16 -15.35 8.80
C GLY B 35 20.89 -15.43 8.00
N LYS B 36 19.78 -15.83 8.62
CA LYS B 36 18.52 -16.09 7.91
C LYS B 36 17.35 -15.26 8.47
N ALA B 37 17.17 -15.31 9.78
CA ALA B 37 16.01 -14.71 10.44
C ALA B 37 16.21 -13.21 10.60
N CYS B 38 15.09 -12.53 10.67
CA CYS B 38 15.07 -11.08 10.88
C CYS B 38 14.40 -10.78 12.21
N ILE B 39 15.14 -10.10 13.08
CA ILE B 39 14.73 -9.91 14.47
C ILE B 39 14.32 -8.42 14.64
N PRO B 40 13.05 -8.14 15.02
CA PRO B 40 12.66 -6.74 15.22
C PRO B 40 13.47 -6.08 16.32
N THR B 41 13.79 -4.81 16.13
CA THR B 41 14.53 -4.03 17.12
C THR B 41 13.61 -3.20 18.01
N GLY B 42 12.31 -3.24 17.76
CA GLY B 42 11.34 -2.48 18.52
C GLY B 42 9.98 -3.16 18.49
N PRO B 43 9.01 -2.57 19.18
CA PRO B 43 7.72 -3.23 19.35
C PRO B 43 6.75 -3.10 18.17
N TYR B 44 7.01 -2.16 17.27
CA TYR B 44 6.17 -1.90 16.09
C TYR B 44 7.02 -1.89 14.83
N PRO B 45 7.67 -3.01 14.54
CA PRO B 45 8.46 -3.11 13.32
C PRO B 45 7.57 -2.99 12.09
N CYS B 46 8.16 -2.53 11.00
CA CYS B 46 7.39 -2.38 9.78
C CYS B 46 6.83 -3.75 9.35
N GLY B 47 5.63 -3.69 8.77
CA GLY B 47 5.05 -4.84 8.11
C GLY B 47 4.50 -5.88 9.01
N LYS B 48 4.44 -5.63 10.30
CA LYS B 48 3.85 -6.58 11.21
C LYS B 48 2.51 -6.08 11.71
N GLN B 49 1.51 -6.94 11.62
CA GLN B 49 0.22 -6.66 12.21
C GLN B 49 0.39 -6.47 13.71
N THR B 50 -0.42 -5.61 14.30
CA THR B 50 -0.30 -5.30 15.71
C THR B 50 -1.28 -6.20 16.49
N LEU B 51 -0.84 -7.43 16.74
CA LEU B 51 -1.69 -8.46 17.33
C LEU B 51 -1.39 -8.71 18.81
N GLU B 52 -0.13 -8.56 19.21
CA GLU B 52 0.22 -8.71 20.62
C GLU B 52 -0.06 -7.39 21.32
N ARG B 53 -1.24 -7.27 21.94
CA ARG B 53 -1.63 -6.02 22.62
C ARG B 53 -0.75 -5.81 23.84
N ARG B 54 0.04 -4.74 23.78
CA ARG B 54 1.06 -4.47 24.80
C ARG B 54 0.47 -3.75 25.99
CL1 XWG C . -7.71 0.06 -7.93
C25 XWG C . -9.18 1.04 -8.28
C24 XWG C . -10.34 0.59 -8.86
C22 XWG C . -11.25 1.64 -8.99
S1 XWG C . -9.15 2.67 -7.79
C20 XWG C . -10.72 2.80 -8.45
C17 XWG C . -11.32 4.05 -8.43
C16 XWG C . -12.23 4.56 -9.32
O10 XWG C . -10.92 4.99 -7.56
N9 XWG C . -11.63 6.16 -7.81
C4 XWG C . -12.40 5.92 -8.88
C1 XWG C . -13.34 6.90 -9.52
N3 XWG C . -14.39 6.38 -10.42
C7 XWG C . -14.89 7.58 -11.12
C14 XWG C . -16.01 8.15 -10.24
C15 XWG C . -16.49 6.97 -9.40
C8 XWG C . -15.52 5.81 -9.68
C5 XWG C . -13.69 8.50 -11.32
C2 XWG C . -12.62 7.94 -10.39
C6 XWG C . -11.60 7.36 -11.35
O13 XWG C . -10.52 6.83 -11.04
C11 XWG C . -13.11 8.31 -12.68
O18 XWG C . -13.50 8.85 -13.72
N12 XWG C . -12.08 7.40 -12.64
C19 XWG C . -11.18 7.16 -13.79
C21 XWG C . -10.10 8.19 -14.06
C23 XWG C . -9.40 7.74 -15.34
N29 XWG C . -8.34 8.64 -15.84
C34 XWG C . -8.77 10.06 -16.03
C35 XWG C . -10.06 10.23 -16.83
O36 XWG C . -9.83 9.83 -18.17
C31 XWG C . -7.81 8.09 -17.11
C33 XWG C . -6.68 7.15 -16.75
C32 XWG C . -6.09 7.77 -15.49
C30 XWG C . -7.20 8.60 -14.89
H24 XWG C . -10.52 -0.43 -9.21
H22 XWG C . -12.23 1.54 -9.42
H16 XWG C . -12.71 4.07 -10.15
H1 XWG C . -13.83 7.46 -8.71
H7 XWG C . -15.32 7.31 -12.10
H82 XWG C . -16.01 5.04 -10.28
H81 XWG C . -15.19 5.36 -8.74
H5 XWG C . -13.93 9.54 -11.09
H2 XWG C . -12.19 8.74 -9.78
H141 XWG C . -16.82 8.55 -10.85
H142 XWG C . -15.62 8.93 -9.59
H151 XWG C . -17.51 6.68 -9.68
H152 XWG C . -16.48 7.22 -8.34
H191 XWG C . -11.80 7.07 -14.68
H192 XWG C . -10.69 6.20 -13.65
H211 XWG C . -9.41 8.23 -13.22
H212 XWG C . -10.56 9.18 -14.18
H231 XWG C . -10.15 7.61 -16.12
H232 XWG C . -8.96 6.77 -15.16
H341 XWG C . -7.98 10.61 -16.52
H342 XWG C . -8.91 10.52 -15.04
H311 XWG C . -7.44 8.88 -17.76
H312 XWG C . -8.59 7.54 -17.66
H301 XWG C . -6.82 9.61 -14.71
H302 XWG C . -7.48 8.16 -13.94
H351 XWG C . -10.35 11.28 -16.82
H352 XWG C . -10.88 9.66 -16.40
H331 XWG C . -5.94 7.12 -17.55
H332 XWG C . -7.05 6.14 -16.55
H321 XWG C . -5.25 8.41 -15.76
H322 XWG C . -5.75 6.99 -14.81
NA NA D . -12.91 5.74 15.04
NA NA E . -13.45 -6.68 -13.19
#